data_7NRF
#
_entry.id   7NRF
#
_cell.length_a   79.610
_cell.length_b   79.814
_cell.length_c   89.346
_cell.angle_alpha   90.000
_cell.angle_beta   106.420
_cell.angle_gamma   90.000
#
_symmetry.space_group_name_H-M   'I 1 2 1'
#
loop_
_entity.id
_entity.type
_entity.pdbx_description
1 polymer 'Outer membrane protein assembly factor BamA'
2 polymer Darobactin
3 non-polymer 'MAGNESIUM ION'
4 non-polymer (HYDROXYETHYLOXY)TRI(ETHYLOXY)OCTANE
5 water water
#
loop_
_entity_poly.entity_id
_entity_poly.type
_entity_poly.pdbx_seq_one_letter_code
_entity_poly.pdbx_strand_id
1 'polypeptide(L)'
;MGSSHHHHHHSSGENLYFQHMRNTGSFNFGIGYGTESGVSFQAGVQQDNWLGTGYAVGINGTKNDYQTYAELSVTNPYFT
VDGVSLGGRLFYNDFQADDADLSDYTNKSYGTDVTLGFPINEYNSLRAGLGYVHNSLSNMQPQVAMWRYLYSMGEHPSTS
DQDNSFKTDDFTFNYGWTYNKLDRGYFPTDGSRVNLTGKVTIPGSDNEYYKVTLDTATYVPIDDDHKWVVLGRTRWGYGD
GLGGKEMPFYENFYAGGSSTVRGFQSNTIGPKAVYFPHQASNYDPDYDYESATQDGAKDLSKSDDAVGGNAMAVASLEFI
TPTPFISDKYANSVRTSFFWDMGTVWDTNWDSSQYSGYPDYSDPSNIRMSAGIALQWMSPLGPLVFSYAQPFKKYDGDKA
EQFQFNIGKTW
;
A
2 'polypeptide(L)' WN(UX8)SKSF B
#
loop_
_chem_comp.id
_chem_comp.type
_chem_comp.name
_chem_comp.formula
C8E non-polymer (HYDROXYETHYLOXY)TRI(ETHYLOXY)OCTANE 'C16 H34 O5'
MG non-polymer 'MAGNESIUM ION' 'Mg 2'
#
# COMPACT_ATOMS: atom_id res chain seq x y z
N GLY A 25 -19.67 -9.09 -20.76
CA GLY A 25 -18.40 -9.40 -20.11
C GLY A 25 -17.20 -8.84 -20.85
N SER A 26 -16.01 -9.03 -20.27
CA SER A 26 -14.77 -8.55 -20.88
C SER A 26 -13.60 -9.33 -20.29
N PHE A 27 -12.44 -9.18 -20.92
CA PHE A 27 -11.19 -9.61 -20.34
C PHE A 27 -10.12 -8.57 -20.67
N ASN A 28 -8.99 -8.67 -19.98
CA ASN A 28 -7.94 -7.68 -20.18
C ASN A 28 -6.59 -8.28 -19.81
N PHE A 29 -5.54 -7.75 -20.46
CA PHE A 29 -4.17 -8.06 -20.09
C PHE A 29 -3.38 -6.75 -19.97
N GLY A 30 -2.58 -6.68 -18.90
CA GLY A 30 -1.74 -5.53 -18.66
C GLY A 30 -0.28 -5.91 -18.55
N ILE A 31 0.58 -5.00 -19.01
CA ILE A 31 2.01 -5.04 -18.79
C ILE A 31 2.43 -3.65 -18.31
N GLY A 32 3.28 -3.60 -17.29
CA GLY A 32 3.73 -2.35 -16.73
C GLY A 32 5.14 -2.45 -16.18
N TYR A 33 5.63 -1.34 -15.64
CA TYR A 33 6.94 -1.32 -15.02
C TYR A 33 6.97 -0.25 -13.92
N GLY A 34 7.67 -0.58 -12.83
CA GLY A 34 8.00 0.40 -11.81
C GLY A 34 9.39 0.14 -11.25
N THR A 35 9.99 1.21 -10.71
CA THR A 35 11.33 1.10 -10.12
C THR A 35 11.34 0.13 -8.95
N GLU A 36 10.29 0.17 -8.12
CA GLU A 36 10.16 -0.73 -6.99
C GLU A 36 9.52 -2.05 -7.35
N SER A 37 8.74 -2.09 -8.43
CA SER A 37 7.93 -3.26 -8.76
C SER A 37 8.53 -4.12 -9.86
N GLY A 38 9.39 -3.56 -10.72
CA GLY A 38 9.92 -4.25 -11.88
C GLY A 38 8.86 -4.40 -12.98
N VAL A 39 9.15 -5.26 -13.92
CA VAL A 39 8.16 -5.59 -14.93
C VAL A 39 6.99 -6.28 -14.26
N SER A 40 5.80 -5.77 -14.49
CA SER A 40 4.59 -6.28 -13.86
C SER A 40 3.61 -6.70 -14.95
N PHE A 41 2.80 -7.70 -14.63
CA PHE A 41 1.81 -8.23 -15.54
C PHE A 41 0.47 -8.28 -14.82
N GLN A 42 -0.59 -8.24 -15.62
CA GLN A 42 -1.94 -8.29 -15.11
C GLN A 42 -2.82 -8.94 -16.16
N ALA A 43 -3.84 -9.64 -15.69
CA ALA A 43 -4.88 -10.14 -16.59
C ALA A 43 -6.13 -10.41 -15.75
N GLY A 44 -7.28 -10.36 -16.42
CA GLY A 44 -8.54 -10.63 -15.76
C GLY A 44 -9.61 -11.00 -16.76
N VAL A 45 -10.75 -11.43 -16.21
CA VAL A 45 -11.92 -11.81 -16.98
C VAL A 45 -13.15 -11.63 -16.11
N GLN A 46 -14.22 -11.08 -16.68
CA GLN A 46 -15.42 -10.77 -15.93
C GLN A 46 -16.66 -11.17 -16.73
N GLN A 47 -17.53 -11.97 -16.11
CA GLN A 47 -18.83 -12.31 -16.69
C GLN A 47 -19.84 -11.30 -16.18
N ASP A 48 -20.39 -10.49 -17.09
CA ASP A 48 -21.16 -9.32 -16.67
C ASP A 48 -22.40 -9.69 -15.87
N ASN A 49 -22.93 -10.90 -16.07
CA ASN A 49 -24.13 -11.35 -15.34
C ASN A 49 -24.09 -12.87 -15.32
N TRP A 50 -23.81 -13.45 -14.16
CA TRP A 50 -23.50 -14.87 -14.08
C TRP A 50 -24.79 -15.69 -14.11
N LEU A 51 -25.22 -16.02 -15.32
CA LEU A 51 -26.33 -16.95 -15.51
C LEU A 51 -27.54 -16.50 -14.68
N GLY A 52 -27.98 -15.28 -14.96
CA GLY A 52 -29.23 -14.76 -14.43
C GLY A 52 -29.21 -14.32 -12.98
N THR A 53 -28.16 -14.63 -12.22
CA THR A 53 -28.14 -14.30 -10.81
C THR A 53 -27.98 -12.80 -10.55
N GLY A 54 -27.50 -12.02 -11.53
CA GLY A 54 -27.22 -10.62 -11.32
C GLY A 54 -25.93 -10.34 -10.58
N TYR A 55 -25.28 -11.38 -10.08
CA TYR A 55 -23.96 -11.28 -9.49
C TYR A 55 -22.93 -11.32 -10.61
N ALA A 56 -22.16 -10.23 -10.78
CA ALA A 56 -21.05 -10.24 -11.71
C ALA A 56 -19.93 -11.11 -11.15
N VAL A 57 -19.33 -11.92 -12.02
CA VAL A 57 -18.23 -12.81 -11.63
C VAL A 57 -16.96 -12.33 -12.32
N GLY A 58 -15.84 -12.47 -11.63
CA GLY A 58 -14.57 -12.01 -12.16
C GLY A 58 -13.41 -12.86 -11.67
N ILE A 59 -12.37 -12.94 -12.49
CA ILE A 59 -11.11 -13.56 -12.11
C ILE A 59 -10.00 -12.60 -12.52
N ASN A 60 -9.15 -12.25 -11.56
CA ASN A 60 -8.09 -11.30 -11.79
C ASN A 60 -6.80 -11.78 -11.16
N GLY A 61 -5.70 -11.52 -11.84
CA GLY A 61 -4.40 -11.81 -11.27
C GLY A 61 -3.38 -10.77 -11.71
N THR A 62 -2.43 -10.50 -10.82
CA THR A 62 -1.35 -9.56 -11.08
C THR A 62 -0.09 -10.11 -10.44
N LYS A 63 1.05 -9.62 -10.93
CA LYS A 63 2.35 -10.16 -10.50
C LYS A 63 3.42 -9.12 -10.79
N ASN A 64 4.23 -8.82 -9.78
CA ASN A 64 5.44 -8.01 -9.97
C ASN A 64 6.63 -8.69 -9.28
N ASP A 65 7.75 -7.98 -9.14
CA ASP A 65 8.98 -8.59 -8.62
C ASP A 65 8.82 -9.24 -7.23
N TYR A 66 7.86 -8.78 -6.40
CA TYR A 66 7.76 -9.28 -5.03
C TYR A 66 6.39 -9.80 -4.63
N GLN A 67 5.38 -9.68 -5.49
CA GLN A 67 4.01 -10.02 -5.12
C GLN A 67 3.31 -10.74 -6.25
N THR A 68 2.65 -11.86 -5.93
CA THR A 68 1.74 -12.54 -6.85
C THR A 68 0.37 -12.60 -6.19
N TYR A 69 -0.65 -12.11 -6.88
CA TYR A 69 -1.98 -12.02 -6.32
C TYR A 69 -3.04 -12.48 -7.31
N ALA A 70 -4.04 -13.21 -6.82
CA ALA A 70 -5.12 -13.67 -7.67
C ALA A 70 -6.42 -13.65 -6.86
N GLU A 71 -7.52 -13.45 -7.57
CA GLU A 71 -8.79 -13.44 -6.87
C GLU A 71 -9.92 -13.91 -7.77
N LEU A 72 -10.97 -14.37 -7.11
CA LEU A 72 -12.28 -14.60 -7.70
C LEU A 72 -13.23 -13.56 -7.10
N SER A 73 -13.83 -12.73 -7.95
CA SER A 73 -14.75 -11.69 -7.53
C SER A 73 -16.18 -12.13 -7.82
N VAL A 74 -17.07 -11.89 -6.85
CA VAL A 74 -18.48 -12.23 -7.03
C VAL A 74 -19.35 -11.13 -6.44
N THR A 75 -19.76 -10.16 -7.24
CA THR A 75 -20.45 -9.00 -6.71
C THR A 75 -21.78 -8.76 -7.40
N ASN A 76 -22.71 -8.17 -6.65
CA ASN A 76 -23.97 -7.64 -7.18
C ASN A 76 -24.16 -6.21 -6.69
N PRO A 77 -24.32 -5.22 -7.58
CA PRO A 77 -24.43 -3.82 -7.11
C PRO A 77 -25.76 -3.47 -6.47
N TYR A 78 -26.81 -4.26 -6.71
CA TYR A 78 -28.15 -4.00 -6.18
C TYR A 78 -28.61 -5.21 -5.36
N PHE A 79 -27.94 -5.45 -4.22
CA PHE A 79 -28.41 -6.50 -3.30
C PHE A 79 -29.76 -6.14 -2.71
N THR A 80 -29.95 -4.85 -2.36
CA THR A 80 -31.23 -4.26 -2.06
C THR A 80 -31.66 -3.35 -3.21
N VAL A 81 -32.92 -2.91 -3.16
CA VAL A 81 -33.45 -2.10 -4.24
C VAL A 81 -32.79 -0.73 -4.28
N ASP A 82 -32.44 -0.18 -3.12
CA ASP A 82 -31.89 1.18 -3.07
C ASP A 82 -30.37 1.18 -2.90
N GLY A 83 -29.66 0.46 -3.76
CA GLY A 83 -28.25 0.72 -4.03
C GLY A 83 -27.24 -0.14 -3.29
N VAL A 84 -27.60 -0.66 -2.12
CA VAL A 84 -26.63 -1.40 -1.31
C VAL A 84 -26.10 -2.59 -2.11
N SER A 85 -24.77 -2.73 -2.14
CA SER A 85 -24.12 -3.78 -2.92
C SER A 85 -23.63 -4.91 -2.03
N LEU A 86 -23.51 -6.10 -2.61
CA LEU A 86 -23.01 -7.27 -1.91
C LEU A 86 -21.84 -7.87 -2.68
N GLY A 87 -20.71 -7.96 -2.02
CA GLY A 87 -19.46 -8.32 -2.66
C GLY A 87 -18.85 -9.52 -2.01
N GLY A 88 -18.30 -10.42 -2.84
CA GLY A 88 -17.59 -11.58 -2.37
C GLY A 88 -16.20 -11.55 -2.96
N ARG A 89 -15.26 -12.12 -2.23
CA ARG A 89 -13.89 -12.19 -2.71
C ARG A 89 -13.30 -13.50 -2.22
N LEU A 90 -12.51 -14.14 -3.08
CA LEU A 90 -11.71 -15.30 -2.70
C LEU A 90 -10.34 -15.12 -3.31
N PHE A 91 -9.30 -15.08 -2.47
CA PHE A 91 -8.00 -14.63 -2.93
C PHE A 91 -6.87 -15.56 -2.49
N TYR A 92 -5.77 -15.51 -3.26
CA TYR A 92 -4.48 -16.07 -2.91
C TYR A 92 -3.41 -15.01 -3.13
N ASN A 93 -2.44 -14.96 -2.21
CA ASN A 93 -1.40 -13.94 -2.26
C ASN A 93 -0.06 -14.49 -1.82
N ASP A 94 0.97 -14.25 -2.65
CA ASP A 94 2.34 -14.65 -2.35
C ASP A 94 3.22 -13.40 -2.28
N PHE A 95 3.88 -13.19 -1.14
CA PHE A 95 4.66 -11.98 -0.87
C PHE A 95 6.09 -12.34 -0.48
N GLN A 96 7.04 -11.88 -1.30
CA GLN A 96 8.48 -12.04 -1.07
C GLN A 96 8.99 -10.70 -0.51
N ALA A 97 9.26 -10.66 0.80
CA ALA A 97 9.63 -9.42 1.46
C ALA A 97 10.99 -8.91 1.01
N ASP A 98 11.94 -9.82 0.74
CA ASP A 98 13.26 -9.38 0.31
C ASP A 98 13.18 -8.59 -1.00
N ASP A 99 12.28 -8.97 -1.90
CA ASP A 99 12.15 -8.26 -3.18
C ASP A 99 11.36 -6.96 -3.06
N ALA A 100 10.64 -6.76 -1.96
CA ALA A 100 10.05 -5.47 -1.61
C ALA A 100 10.96 -4.66 -0.67
N ASP A 101 12.28 -4.90 -0.74
CA ASP A 101 13.30 -4.17 -0.01
C ASP A 101 13.04 -4.12 1.50
N LEU A 102 12.65 -5.26 2.06
CA LEU A 102 12.51 -5.45 3.50
C LEU A 102 13.42 -6.58 3.96
N SER A 103 13.57 -6.71 5.28
CA SER A 103 14.23 -7.88 5.81
C SER A 103 13.46 -9.11 5.37
N ASP A 104 14.18 -10.20 5.15
CA ASP A 104 13.64 -11.30 4.37
C ASP A 104 12.60 -12.09 5.14
N TYR A 105 11.51 -12.44 4.44
CA TYR A 105 10.53 -13.41 4.89
C TYR A 105 9.60 -13.68 3.72
N THR A 106 8.82 -14.74 3.84
CA THR A 106 7.90 -15.20 2.82
C THR A 106 6.54 -15.34 3.47
N ASN A 107 5.52 -14.76 2.85
CA ASN A 107 4.16 -14.86 3.39
C ASN A 107 3.25 -15.31 2.24
N LYS A 108 2.70 -16.50 2.37
CA LYS A 108 1.71 -17.04 1.45
C LYS A 108 0.38 -17.06 2.18
N SER A 109 -0.64 -16.47 1.59
CA SER A 109 -1.91 -16.33 2.28
C SER A 109 -3.06 -16.58 1.31
N TYR A 110 -4.21 -16.91 1.89
CA TYR A 110 -5.45 -17.06 1.13
C TYR A 110 -6.59 -16.77 2.08
N GLY A 111 -7.75 -16.45 1.51
CA GLY A 111 -8.92 -16.17 2.32
C GLY A 111 -10.08 -15.68 1.50
N THR A 112 -11.11 -15.21 2.23
CA THR A 112 -12.35 -14.73 1.63
C THR A 112 -12.83 -13.45 2.32
N ASP A 113 -13.52 -12.61 1.56
CA ASP A 113 -14.16 -11.42 2.08
C ASP A 113 -15.60 -11.33 1.59
N VAL A 114 -16.50 -10.93 2.49
CA VAL A 114 -17.87 -10.59 2.17
C VAL A 114 -18.08 -9.14 2.62
N THR A 115 -18.38 -8.27 1.65
CA THR A 115 -18.42 -6.82 1.86
C THR A 115 -19.76 -6.28 1.40
N LEU A 116 -20.39 -5.49 2.27
CA LEU A 116 -21.56 -4.69 1.91
C LEU A 116 -21.13 -3.26 1.59
N GLY A 117 -21.71 -2.68 0.54
CA GLY A 117 -21.43 -1.30 0.18
C GLY A 117 -22.64 -0.39 0.24
N PHE A 118 -22.55 0.69 1.01
CA PHE A 118 -23.65 1.64 1.19
C PHE A 118 -23.30 3.02 0.66
N PRO A 119 -23.81 3.45 -0.51
CA PRO A 119 -23.58 4.84 -0.93
C PRO A 119 -24.39 5.85 -0.13
N ILE A 120 -23.72 6.65 0.70
CA ILE A 120 -24.44 7.56 1.58
C ILE A 120 -25.07 8.71 0.78
N ASN A 121 -24.35 9.19 -0.23
CA ASN A 121 -24.86 10.27 -1.08
C ASN A 121 -24.04 10.24 -2.38
N GLU A 122 -23.79 11.42 -2.95
CA GLU A 122 -23.04 11.48 -4.20
C GLU A 122 -21.53 11.42 -3.99
N TYR A 123 -21.05 11.91 -2.84
CA TYR A 123 -19.62 12.02 -2.59
C TYR A 123 -19.13 11.04 -1.53
N ASN A 124 -20.03 10.27 -0.90
CA ASN A 124 -19.65 9.40 0.19
C ASN A 124 -20.16 8.00 -0.03
N SER A 125 -19.34 7.03 0.31
CA SER A 125 -19.77 5.63 0.36
C SER A 125 -19.14 5.00 1.59
N LEU A 126 -19.90 4.12 2.23
CA LEU A 126 -19.42 3.33 3.35
C LEU A 126 -19.40 1.85 2.95
N ARG A 127 -18.56 1.08 3.64
CA ARG A 127 -18.55 -0.36 3.43
C ARG A 127 -18.20 -1.08 4.74
N ALA A 128 -18.87 -2.19 4.96
CA ALA A 128 -18.66 -3.06 6.10
C ALA A 128 -18.58 -4.49 5.58
N GLY A 129 -17.70 -5.30 6.19
CA GLY A 129 -17.48 -6.64 5.69
C GLY A 129 -16.85 -7.52 6.74
N LEU A 130 -17.02 -8.82 6.53
CA LEU A 130 -16.43 -9.87 7.36
C LEU A 130 -15.43 -10.63 6.51
N GLY A 131 -14.28 -10.94 7.08
CA GLY A 131 -13.21 -11.57 6.32
C GLY A 131 -12.52 -12.69 7.08
N TYR A 132 -11.99 -13.62 6.30
CA TYR A 132 -11.19 -14.73 6.81
C TYR A 132 -9.88 -14.73 6.05
N VAL A 133 -8.77 -14.87 6.76
CA VAL A 133 -7.45 -14.97 6.11
C VAL A 133 -6.62 -16.00 6.84
N HIS A 134 -5.92 -16.82 6.07
CA HIS A 134 -4.90 -17.74 6.56
C HIS A 134 -3.56 -17.20 6.09
N ASN A 135 -2.64 -16.97 7.02
CA ASN A 135 -1.29 -16.54 6.68
C ASN A 135 -0.31 -17.66 7.01
N SER A 136 0.56 -17.96 6.09
CA SER A 136 1.61 -18.95 6.34
C SER A 136 2.96 -18.26 6.15
N LEU A 137 3.65 -18.00 7.25
CA LEU A 137 4.95 -17.38 7.22
C LEU A 137 6.05 -18.43 7.19
N SER A 138 7.08 -18.15 6.39
CA SER A 138 8.25 -18.99 6.29
C SER A 138 9.45 -18.13 5.96
N ASN A 139 10.64 -18.72 6.08
CA ASN A 139 11.87 -18.13 5.55
C ASN A 139 12.19 -16.80 6.23
N MET A 140 11.80 -16.70 7.50
CA MET A 140 11.99 -15.47 8.28
C MET A 140 13.43 -15.36 8.76
N GLN A 141 14.11 -14.31 8.35
CA GLN A 141 15.48 -14.04 8.81
C GLN A 141 15.45 -13.44 10.21
N PRO A 142 15.94 -14.14 11.23
CA PRO A 142 15.83 -13.65 12.61
C PRO A 142 16.26 -12.20 12.82
N GLN A 143 15.36 -11.42 13.44
CA GLN A 143 15.62 -10.04 13.82
C GLN A 143 14.76 -9.72 15.06
N VAL A 144 15.13 -8.65 15.77
CA VAL A 144 14.52 -8.33 17.07
C VAL A 144 13.02 -8.08 16.92
N ALA A 145 12.65 -7.10 16.07
CA ALA A 145 11.25 -6.68 16.03
C ALA A 145 10.34 -7.83 15.60
N MET A 146 10.72 -8.54 14.53
CA MET A 146 9.95 -9.68 14.08
C MET A 146 9.79 -10.72 15.18
N TRP A 147 10.90 -11.14 15.77
CA TRP A 147 10.86 -12.14 16.83
C TRP A 147 10.04 -11.66 18.03
N ARG A 148 10.11 -10.36 18.33
CA ARG A 148 9.33 -9.80 19.43
C ARG A 148 7.85 -10.07 19.24
N TYR A 149 7.36 -9.93 18.01
CA TYR A 149 5.98 -10.27 17.72
C TYR A 149 5.72 -11.76 17.87
N LEU A 150 6.65 -12.56 17.36
CA LEU A 150 6.54 -14.02 17.53
C LEU A 150 6.46 -14.39 19.00
N TYR A 151 7.28 -13.73 19.85
CA TYR A 151 7.23 -14.00 21.29
C TYR A 151 5.88 -13.63 21.89
N SER A 152 5.22 -12.57 21.38
CA SER A 152 3.91 -12.16 21.92
C SER A 152 2.83 -13.19 21.63
N MET A 153 3.01 -13.99 20.57
CA MET A 153 2.08 -15.00 20.12
C MET A 153 2.32 -16.35 20.77
N GLY A 154 3.43 -16.53 21.46
CA GLY A 154 3.83 -17.80 22.01
C GLY A 154 4.74 -18.62 21.14
N GLU A 155 5.23 -18.05 20.04
CA GLU A 155 6.09 -18.75 19.10
C GLU A 155 7.54 -18.36 19.35
N HIS A 156 8.41 -19.35 19.55
CA HIS A 156 9.80 -19.10 19.91
C HIS A 156 10.77 -19.89 19.03
N PRO A 157 10.85 -19.56 17.75
CA PRO A 157 11.78 -20.26 16.85
C PRO A 157 13.24 -19.90 17.11
N SER A 158 14.13 -20.76 16.59
CA SER A 158 15.56 -20.51 16.66
C SER A 158 15.90 -19.10 16.19
N THR A 159 16.87 -18.49 16.83
CA THR A 159 17.35 -17.17 16.44
C THR A 159 18.53 -17.23 15.46
N SER A 160 18.99 -18.44 15.09
CA SER A 160 20.17 -18.62 14.25
C SER A 160 19.89 -19.37 12.94
N ASP A 161 18.62 -19.53 12.58
CA ASP A 161 18.17 -20.38 11.49
C ASP A 161 17.13 -19.63 10.68
N GLN A 162 17.19 -19.75 9.35
CA GLN A 162 16.17 -19.14 8.49
C GLN A 162 15.17 -20.18 7.95
N ASP A 163 15.08 -21.36 8.56
CA ASP A 163 14.17 -22.42 8.13
C ASP A 163 13.10 -22.63 9.21
N ASN A 164 12.15 -21.70 9.27
CA ASN A 164 11.11 -21.65 10.29
C ASN A 164 9.75 -21.64 9.61
N SER A 165 8.69 -21.54 10.41
CA SER A 165 7.33 -21.53 9.86
C SER A 165 6.39 -21.02 10.95
N PHE A 166 5.41 -20.22 10.54
CA PHE A 166 4.39 -19.72 11.45
C PHE A 166 3.10 -19.58 10.65
N LYS A 167 2.01 -20.15 11.19
CA LYS A 167 0.73 -20.19 10.50
C LYS A 167 -0.36 -19.69 11.42
N THR A 168 -1.26 -18.90 10.85
CA THR A 168 -2.35 -18.30 11.60
C THR A 168 -3.61 -18.31 10.75
N ASP A 169 -4.74 -18.36 11.45
CA ASP A 169 -6.07 -18.19 10.86
C ASP A 169 -6.75 -17.06 11.60
N ASP A 170 -7.25 -16.08 10.84
CA ASP A 170 -7.82 -14.87 11.42
C ASP A 170 -9.18 -14.58 10.79
N PHE A 171 -10.07 -14.02 11.61
CA PHE A 171 -11.40 -13.59 11.19
C PHE A 171 -11.49 -12.10 11.53
N THR A 172 -11.93 -11.28 10.56
CA THR A 172 -11.86 -9.85 10.73
C THR A 172 -13.19 -9.18 10.38
N PHE A 173 -13.47 -8.09 11.08
CA PHE A 173 -14.50 -7.16 10.71
C PHE A 173 -13.82 -5.97 10.03
N ASN A 174 -14.25 -5.68 8.79
CA ASN A 174 -13.62 -4.66 7.96
C ASN A 174 -14.63 -3.55 7.68
N TYR A 175 -14.24 -2.32 8.00
CA TYR A 175 -15.04 -1.14 7.67
C TYR A 175 -14.25 -0.24 6.72
N GLY A 176 -14.97 0.62 6.01
CA GLY A 176 -14.35 1.52 5.05
C GLY A 176 -15.22 2.72 4.78
N TRP A 177 -14.56 3.86 4.50
CA TRP A 177 -15.25 5.08 4.12
C TRP A 177 -14.48 5.79 3.00
N THR A 178 -15.17 6.11 1.91
CA THR A 178 -14.56 6.84 0.79
C THR A 178 -15.37 8.11 0.46
N TYR A 179 -14.73 9.28 0.65
CA TYR A 179 -15.23 10.54 0.13
C TYR A 179 -14.54 10.88 -1.17
N ASN A 180 -15.32 11.15 -2.21
CA ASN A 180 -14.74 11.50 -3.52
C ASN A 180 -15.58 12.64 -4.12
N LYS A 181 -15.02 13.85 -4.09
CA LYS A 181 -15.58 14.99 -4.81
C LYS A 181 -14.51 15.53 -5.77
N LEU A 182 -13.89 14.64 -6.54
CA LEU A 182 -12.87 15.05 -7.49
C LEU A 182 -13.54 15.48 -8.80
N ASP A 183 -13.14 16.64 -9.32
CA ASP A 183 -13.70 17.16 -10.55
C ASP A 183 -13.48 16.20 -11.72
N ARG A 184 -12.46 15.34 -11.62
CA ARG A 184 -11.96 14.53 -12.71
C ARG A 184 -11.10 13.42 -12.12
N GLY A 185 -11.14 12.24 -12.75
CA GLY A 185 -10.36 11.12 -12.28
C GLY A 185 -8.93 11.13 -12.80
N TYR A 186 -8.78 11.36 -14.10
CA TYR A 186 -7.47 11.58 -14.71
C TYR A 186 -7.09 13.04 -14.47
N PHE A 187 -5.96 13.26 -13.84
CA PHE A 187 -5.45 14.62 -13.66
C PHE A 187 -6.50 15.49 -12.97
N PRO A 188 -6.82 15.23 -11.71
CA PRO A 188 -7.75 16.11 -11.00
C PRO A 188 -7.19 17.52 -10.95
N THR A 189 -8.10 18.49 -10.99
CA THR A 189 -7.75 19.88 -10.74
C THR A 189 -8.50 20.50 -9.55
N ASP A 190 -9.56 19.88 -9.06
CA ASP A 190 -10.33 20.48 -7.97
C ASP A 190 -11.06 19.40 -7.19
N GLY A 191 -11.14 19.58 -5.89
CA GLY A 191 -11.84 18.65 -5.04
C GLY A 191 -10.89 17.78 -4.25
N SER A 192 -11.49 16.91 -3.45
CA SER A 192 -10.75 16.09 -2.50
C SER A 192 -11.13 14.63 -2.66
N ARG A 193 -10.23 13.77 -2.20
CA ARG A 193 -10.53 12.35 -2.05
C ARG A 193 -10.03 11.90 -0.68
N VAL A 194 -10.88 11.18 0.05
CA VAL A 194 -10.50 10.63 1.33
C VAL A 194 -10.92 9.17 1.40
N ASN A 195 -10.00 8.34 1.88
CA ASN A 195 -10.25 6.91 2.04
C ASN A 195 -9.75 6.48 3.41
N LEU A 196 -10.68 6.00 4.24
CA LEU A 196 -10.42 5.42 5.54
C LEU A 196 -10.83 3.95 5.49
N THR A 197 -9.87 3.05 5.76
CA THR A 197 -10.13 1.64 5.85
C THR A 197 -9.61 1.13 7.20
N GLY A 198 -10.44 0.40 7.93
CA GLY A 198 -10.04 -0.20 9.18
C GLY A 198 -10.38 -1.68 9.21
N LYS A 199 -9.77 -2.37 10.17
CA LYS A 199 -10.16 -3.75 10.47
C LYS A 199 -9.77 -4.04 11.92
N VAL A 200 -10.47 -5.02 12.48
CA VAL A 200 -10.25 -5.51 13.84
C VAL A 200 -10.48 -7.03 13.83
N THR A 201 -9.68 -7.76 14.62
CA THR A 201 -9.85 -9.20 14.69
C THR A 201 -11.04 -9.59 15.58
N ILE A 202 -11.81 -10.56 15.09
CA ILE A 202 -12.95 -11.14 15.81
C ILE A 202 -12.43 -12.19 16.79
N PRO A 203 -12.82 -12.15 18.07
CA PRO A 203 -12.34 -13.17 19.00
C PRO A 203 -12.51 -14.59 18.48
N GLY A 204 -11.51 -15.43 18.76
CA GLY A 204 -11.35 -16.71 18.13
C GLY A 204 -10.23 -16.75 17.12
N SER A 205 -9.83 -15.59 16.58
CA SER A 205 -8.71 -15.51 15.66
C SER A 205 -7.41 -15.80 16.38
N ASP A 206 -6.40 -16.27 15.64
CA ASP A 206 -5.07 -16.45 16.24
C ASP A 206 -4.44 -15.09 16.56
N ASN A 207 -4.54 -14.13 15.64
CA ASN A 207 -4.04 -12.79 15.92
C ASN A 207 -5.13 -11.99 16.63
N GLU A 208 -4.70 -10.99 17.41
CA GLU A 208 -5.57 -10.06 18.09
C GLU A 208 -5.08 -8.66 17.79
N TYR A 209 -5.77 -7.92 16.92
CA TYR A 209 -5.28 -6.58 16.58
C TYR A 209 -6.33 -5.78 15.84
N TYR A 210 -6.06 -4.46 15.72
CA TYR A 210 -6.78 -3.53 14.86
C TYR A 210 -5.78 -2.81 13.98
N LYS A 211 -6.27 -2.22 12.89
CA LYS A 211 -5.41 -1.51 11.93
C LYS A 211 -6.23 -0.47 11.18
N VAL A 212 -5.71 0.76 11.12
CA VAL A 212 -6.41 1.86 10.46
C VAL A 212 -5.47 2.53 9.46
N THR A 213 -6.02 2.89 8.30
CA THR A 213 -5.31 3.54 7.22
C THR A 213 -6.15 4.73 6.76
N LEU A 214 -5.52 5.91 6.65
CA LEU A 214 -6.20 7.10 6.16
C LEU A 214 -5.39 7.74 5.03
N ASP A 215 -6.05 7.96 3.88
CA ASP A 215 -5.46 8.58 2.70
C ASP A 215 -6.30 9.78 2.28
N THR A 216 -5.63 10.91 2.02
CA THR A 216 -6.32 12.12 1.57
C THR A 216 -5.56 12.76 0.41
N ALA A 217 -6.31 13.31 -0.55
CA ALA A 217 -5.75 14.10 -1.66
C ALA A 217 -6.65 15.32 -1.85
N THR A 218 -6.06 16.52 -1.87
CA THR A 218 -6.81 17.76 -2.06
C THR A 218 -6.19 18.63 -3.15
N TYR A 219 -6.98 18.91 -4.19
CA TYR A 219 -6.57 19.72 -5.34
C TYR A 219 -7.24 21.08 -5.23
N VAL A 220 -6.42 22.16 -5.24
CA VAL A 220 -6.91 23.54 -5.20
C VAL A 220 -6.47 24.26 -6.46
N PRO A 221 -7.35 24.55 -7.40
CA PRO A 221 -6.94 25.34 -8.58
C PRO A 221 -6.71 26.79 -8.20
N ILE A 222 -5.55 27.34 -8.57
CA ILE A 222 -5.24 28.74 -8.24
C ILE A 222 -5.41 29.67 -9.44
N ASP A 223 -5.92 29.14 -10.56
CA ASP A 223 -6.18 29.93 -11.76
C ASP A 223 -7.47 29.45 -12.40
N ASP A 224 -8.03 30.32 -13.26
CA ASP A 224 -9.36 30.11 -13.81
C ASP A 224 -9.41 28.96 -14.80
N ASP A 225 -8.33 28.76 -15.56
CA ASP A 225 -8.22 27.67 -16.53
C ASP A 225 -7.84 26.33 -15.88
N HIS A 226 -7.51 26.31 -14.58
CA HIS A 226 -7.21 25.12 -13.77
C HIS A 226 -5.93 24.41 -14.19
N LYS A 227 -4.99 25.15 -14.80
CA LYS A 227 -3.66 24.65 -15.18
C LYS A 227 -2.64 24.75 -14.05
N TRP A 228 -2.92 25.58 -13.03
CA TRP A 228 -2.02 25.82 -11.89
C TRP A 228 -2.75 25.30 -10.66
N VAL A 229 -2.42 24.12 -10.21
CA VAL A 229 -3.14 23.50 -9.11
C VAL A 229 -2.16 23.20 -8.00
N VAL A 230 -2.62 23.34 -6.77
CA VAL A 230 -1.86 23.00 -5.58
C VAL A 230 -2.46 21.70 -5.05
N LEU A 231 -1.61 20.74 -4.72
CA LEU A 231 -2.06 19.42 -4.31
C LEU A 231 -1.42 19.09 -2.97
N GLY A 232 -2.26 18.78 -1.99
CA GLY A 232 -1.82 18.27 -0.71
C GLY A 232 -2.29 16.84 -0.53
N ARG A 233 -1.32 15.95 -0.27
CA ARG A 233 -1.60 14.56 0.03
C ARG A 233 -1.22 14.29 1.50
N THR A 234 -2.03 13.51 2.20
CA THR A 234 -1.62 12.94 3.47
C THR A 234 -1.93 11.44 3.44
N ARG A 235 -1.10 10.67 4.17
CA ARG A 235 -1.29 9.26 4.38
C ARG A 235 -0.84 8.94 5.79
N TRP A 236 -1.71 8.25 6.54
CA TRP A 236 -1.54 7.93 7.94
C TRP A 236 -1.86 6.45 8.14
N GLY A 237 -1.08 5.79 8.99
CA GLY A 237 -1.36 4.42 9.37
C GLY A 237 -1.12 4.15 10.84
N TYR A 238 -2.07 3.49 11.50
CA TYR A 238 -1.83 3.08 12.88
C TYR A 238 -2.56 1.78 13.21
N GLY A 239 -1.84 0.90 13.91
CA GLY A 239 -2.39 -0.36 14.38
C GLY A 239 -1.56 -0.87 15.52
N ASP A 240 -2.21 -1.58 16.44
CA ASP A 240 -1.51 -2.18 17.57
C ASP A 240 -2.22 -3.47 17.92
N GLY A 241 -1.61 -4.24 18.80
CA GLY A 241 -2.23 -5.44 19.28
C GLY A 241 -3.31 -5.15 20.30
N LEU A 242 -4.06 -6.22 20.62
CA LEU A 242 -4.99 -6.31 21.73
C LEU A 242 -4.58 -7.53 22.55
N GLY A 243 -4.88 -7.50 23.86
CA GLY A 243 -4.71 -8.66 24.69
C GLY A 243 -3.30 -9.16 24.91
N GLY A 244 -2.31 -8.27 24.85
CA GLY A 244 -0.93 -8.64 25.06
C GLY A 244 -0.20 -9.08 23.81
N LYS A 245 -0.91 -9.24 22.70
CA LYS A 245 -0.32 -9.56 21.41
C LYS A 245 0.08 -8.26 20.71
N GLU A 246 0.84 -8.40 19.65
CA GLU A 246 1.20 -7.29 18.79
C GLU A 246 0.47 -7.42 17.46
N MET A 247 0.66 -6.46 16.60
CA MET A 247 0.19 -6.57 15.22
C MET A 247 1.19 -7.39 14.42
N PRO A 248 0.73 -8.36 13.63
CA PRO A 248 1.65 -9.11 12.75
C PRO A 248 2.48 -8.16 11.92
N PHE A 249 3.81 -8.41 11.91
CA PHE A 249 4.72 -7.56 11.14
C PHE A 249 4.39 -7.56 9.65
N TYR A 250 3.80 -8.65 9.14
CA TYR A 250 3.41 -8.65 7.72
C TYR A 250 2.22 -7.75 7.48
N GLU A 251 1.66 -7.14 8.53
CA GLU A 251 0.67 -6.08 8.39
C GLU A 251 1.27 -4.69 8.54
N ASN A 252 2.61 -4.56 8.55
CA ASN A 252 3.23 -3.28 8.83
C ASN A 252 3.00 -2.23 7.73
N PHE A 253 3.09 -0.96 8.14
CA PHE A 253 3.14 0.18 7.24
C PHE A 253 4.57 0.49 6.84
N TYR A 254 4.73 1.07 5.64
CA TYR A 254 6.03 1.46 5.09
C TYR A 254 5.94 2.88 4.55
N ALA A 255 7.09 3.48 4.26
CA ALA A 255 7.13 4.75 3.54
C ALA A 255 8.42 4.84 2.74
N GLY A 256 8.40 5.61 1.67
CA GLY A 256 9.51 5.74 0.74
C GLY A 256 9.12 5.09 -0.57
N GLY A 257 9.54 5.70 -1.69
CA GLY A 257 9.17 5.22 -3.00
C GLY A 257 8.28 6.20 -3.75
N SER A 258 7.88 5.74 -4.95
CA SER A 258 7.30 6.57 -5.99
C SER A 258 5.96 7.19 -5.63
N SER A 259 5.26 6.56 -4.69
CA SER A 259 3.91 6.95 -4.32
C SER A 259 3.82 7.46 -2.90
N THR A 260 4.95 7.52 -2.18
CA THR A 260 4.90 8.05 -0.81
C THR A 260 5.92 9.16 -0.62
N VAL A 261 7.20 8.83 -0.45
CA VAL A 261 8.25 9.85 -0.32
C VAL A 261 9.22 9.62 -1.47
N ARG A 262 9.03 10.35 -2.56
CA ARG A 262 9.89 10.19 -3.74
C ARG A 262 11.34 10.52 -3.38
N GLY A 263 12.26 9.96 -4.18
CA GLY A 263 13.68 10.11 -3.94
C GLY A 263 14.26 9.11 -2.95
N PHE A 264 13.39 8.43 -2.20
CA PHE A 264 13.77 7.40 -1.25
C PHE A 264 13.46 6.03 -1.84
N GLN A 265 14.37 5.09 -1.67
CA GLN A 265 14.09 3.72 -2.10
C GLN A 265 12.80 3.25 -1.47
N SER A 266 12.05 2.43 -2.21
CA SER A 266 10.77 1.94 -1.73
C SER A 266 10.94 1.27 -0.37
N ASN A 267 10.08 1.66 0.58
CA ASN A 267 9.93 1.09 1.91
C ASN A 267 11.13 1.33 2.83
N THR A 268 12.10 2.18 2.44
CA THR A 268 13.30 2.33 3.25
C THR A 268 13.10 3.13 4.53
N ILE A 269 12.02 3.89 4.66
CA ILE A 269 11.88 4.83 5.78
C ILE A 269 11.36 4.10 7.02
N GLY A 270 12.01 4.32 8.15
CA GLY A 270 11.53 3.75 9.40
C GLY A 270 12.52 2.81 10.04
N PRO A 271 12.06 1.92 10.92
CA PRO A 271 13.00 1.03 11.60
C PRO A 271 13.76 0.14 10.62
N LYS A 272 14.94 -0.29 11.08
CA LYS A 272 15.80 -1.22 10.38
C LYS A 272 15.92 -2.49 11.22
N ALA A 273 16.10 -3.62 10.53
CA ALA A 273 16.26 -4.89 11.21
C ALA A 273 17.51 -4.89 12.08
N VAL A 274 17.36 -5.37 13.31
CA VAL A 274 18.48 -5.62 14.22
C VAL A 274 18.67 -7.13 14.27
N TYR A 275 19.62 -7.65 13.51
CA TYR A 275 19.67 -9.07 13.24
C TYR A 275 20.25 -9.86 14.40
N PHE A 276 19.68 -11.07 14.66
CA PHE A 276 20.24 -12.01 15.64
C PHE A 276 21.44 -12.73 15.01
N PRO A 277 22.47 -13.06 15.80
CA PRO A 277 23.63 -13.78 15.24
C PRO A 277 23.26 -15.17 14.71
N HIS A 278 23.88 -15.56 13.57
CA HIS A 278 23.64 -16.80 12.84
C HIS A 278 24.62 -17.89 13.28
N GLN A 279 24.24 -19.15 13.02
CA GLN A 279 25.09 -20.30 13.33
C GLN A 279 25.14 -21.30 12.15
N ASP A 299 27.21 -9.55 19.50
CA ASP A 299 25.93 -10.25 19.66
C ASP A 299 25.04 -9.86 18.45
N LEU A 300 24.30 -8.75 18.54
CA LEU A 300 23.40 -8.37 17.45
C LEU A 300 24.14 -7.52 16.41
N SER A 301 23.45 -7.26 15.30
CA SER A 301 24.02 -6.51 14.18
C SER A 301 23.01 -5.49 13.68
N LYS A 302 23.45 -4.24 13.55
CA LYS A 302 22.64 -3.20 12.94
C LYS A 302 22.62 -3.42 11.44
N SER A 303 21.53 -3.00 10.81
CA SER A 303 21.40 -3.21 9.38
C SER A 303 20.81 -1.96 8.74
N ASP A 304 20.75 -1.99 7.42
CA ASP A 304 20.04 -0.98 6.63
C ASP A 304 18.87 -1.63 5.89
N ASP A 305 18.33 -2.71 6.46
CA ASP A 305 17.18 -3.40 5.89
C ASP A 305 15.93 -2.94 6.64
N ALA A 306 15.04 -2.23 5.95
CA ALA A 306 13.85 -1.70 6.60
C ALA A 306 12.86 -2.82 6.89
N VAL A 307 12.12 -2.66 7.99
CA VAL A 307 11.15 -3.67 8.40
C VAL A 307 9.75 -3.10 8.52
N GLY A 308 9.53 -1.86 8.07
CA GLY A 308 8.27 -1.18 8.30
C GLY A 308 7.99 -1.01 9.80
N GLY A 309 6.75 -0.62 10.07
CA GLY A 309 6.36 -0.39 11.46
C GLY A 309 4.86 -0.25 11.58
N ASN A 310 4.40 -0.17 12.82
CA ASN A 310 2.98 -0.18 13.09
C ASN A 310 2.39 1.22 13.24
N ALA A 311 3.17 2.25 12.98
CA ALA A 311 2.64 3.62 12.88
C ALA A 311 3.37 4.34 11.75
N MET A 312 2.63 5.15 11.01
CA MET A 312 3.18 5.77 9.81
C MET A 312 2.50 7.10 9.54
N ALA A 313 3.25 8.03 8.98
CA ALA A 313 2.70 9.35 8.64
C ALA A 313 3.44 9.92 7.45
N VAL A 314 2.70 10.21 6.38
CA VAL A 314 3.28 10.79 5.17
C VAL A 314 2.45 12.00 4.75
N ALA A 315 3.14 13.03 4.27
CA ALA A 315 2.51 14.26 3.83
C ALA A 315 3.29 14.73 2.62
N SER A 316 2.56 15.39 1.70
CA SER A 316 3.19 15.88 0.50
C SER A 316 2.52 17.17 0.05
N LEU A 317 3.34 18.12 -0.35
CA LEU A 317 2.87 19.38 -0.94
C LEU A 317 3.41 19.46 -2.36
N GLU A 318 2.51 19.56 -3.32
CA GLU A 318 2.86 19.48 -4.73
C GLU A 318 2.26 20.66 -5.48
N PHE A 319 3.06 21.29 -6.32
CA PHE A 319 2.62 22.42 -7.14
C PHE A 319 2.53 21.92 -8.58
N ILE A 320 1.29 21.80 -9.08
CA ILE A 320 1.05 21.37 -10.45
C ILE A 320 1.07 22.59 -11.34
N THR A 321 1.82 22.52 -12.44
CA THR A 321 2.01 23.60 -13.35
C THR A 321 1.77 23.12 -14.77
N PRO A 322 1.68 24.02 -15.74
CA PRO A 322 1.82 23.62 -17.15
C PRO A 322 3.21 23.06 -17.40
N THR A 323 3.38 22.36 -18.51
CA THR A 323 4.61 21.61 -18.77
C THR A 323 5.54 22.38 -19.70
N PRO A 324 6.77 22.71 -19.24
CA PRO A 324 7.73 23.39 -20.12
C PRO A 324 8.20 22.49 -21.25
N PHE A 325 8.48 23.12 -22.39
CA PHE A 325 9.00 22.46 -23.59
C PHE A 325 8.04 21.40 -24.15
N ILE A 326 6.72 21.64 -24.11
CA ILE A 326 5.74 20.78 -24.79
C ILE A 326 4.60 21.63 -25.37
N SER A 327 4.23 21.36 -26.63
CA SER A 327 3.14 22.02 -27.31
C SER A 327 1.84 22.10 -26.51
N ASP A 328 0.99 23.08 -26.78
CA ASP A 328 -0.33 23.14 -26.18
C ASP A 328 -1.24 22.02 -26.67
N LYS A 329 -0.91 21.44 -27.83
CA LYS A 329 -1.71 20.34 -28.37
C LYS A 329 -1.71 19.16 -27.42
N TYR A 330 -0.61 18.97 -26.68
CA TYR A 330 -0.39 17.82 -25.81
C TYR A 330 -0.50 18.21 -24.34
N ALA A 331 -1.36 19.18 -24.03
CA ALA A 331 -1.52 19.65 -22.66
C ALA A 331 -2.37 18.70 -21.84
N ASN A 332 -3.54 18.32 -22.36
CA ASN A 332 -4.50 17.50 -21.64
C ASN A 332 -3.93 16.14 -21.26
N SER A 333 -2.80 15.76 -21.84
CA SER A 333 -2.19 14.46 -21.66
C SER A 333 -0.89 14.48 -20.87
N VAL A 334 -0.47 15.63 -20.34
CA VAL A 334 0.76 15.73 -19.58
C VAL A 334 0.49 16.57 -18.34
N ARG A 335 1.28 16.33 -17.30
CA ARG A 335 1.20 17.08 -16.04
C ARG A 335 2.58 17.17 -15.44
N THR A 336 3.10 18.38 -15.30
CA THR A 336 4.33 18.66 -14.57
C THR A 336 3.96 19.05 -13.15
N SER A 337 4.86 18.77 -12.21
CA SER A 337 4.64 19.26 -10.86
C SER A 337 5.95 19.29 -10.12
N PHE A 338 5.96 20.11 -9.06
CA PHE A 338 7.11 20.26 -8.17
C PHE A 338 6.60 19.95 -6.79
N PHE A 339 7.34 19.15 -6.05
CA PHE A 339 6.77 18.64 -4.81
C PHE A 339 7.77 18.72 -3.68
N TRP A 340 7.21 18.66 -2.50
CA TRP A 340 7.91 18.51 -1.22
C TRP A 340 7.24 17.33 -0.54
N ASP A 341 8.01 16.28 -0.26
CA ASP A 341 7.48 15.09 0.38
C ASP A 341 8.15 14.83 1.72
N MET A 342 7.39 14.23 2.63
CA MET A 342 7.93 13.86 3.93
C MET A 342 7.14 12.71 4.48
N GLY A 343 7.77 12.00 5.39
CA GLY A 343 7.12 10.88 6.03
C GLY A 343 7.99 10.28 7.10
N THR A 344 7.31 9.65 8.05
CA THR A 344 7.96 8.89 9.08
C THR A 344 7.20 7.58 9.28
N VAL A 345 7.91 6.58 9.78
CA VAL A 345 7.37 5.28 10.17
C VAL A 345 8.05 4.89 11.47
N TRP A 346 7.29 4.38 12.44
CA TRP A 346 7.91 3.93 13.68
C TRP A 346 7.25 2.69 14.26
N ASP A 347 7.96 2.07 15.21
CA ASP A 347 7.59 0.83 15.89
C ASP A 347 7.26 1.16 17.33
N THR A 348 5.95 1.26 17.65
CA THR A 348 5.54 1.70 18.99
C THR A 348 5.98 0.71 20.09
N ASN A 349 6.21 -0.56 19.75
CA ASN A 349 6.63 -1.55 20.74
C ASN A 349 8.14 -1.74 20.77
N TRP A 350 8.90 -0.95 20.03
CA TRP A 350 10.35 -1.03 20.15
C TRP A 350 10.76 -0.69 21.58
N ASP A 351 11.56 -1.58 22.17
CA ASP A 351 11.99 -1.50 23.56
C ASP A 351 13.41 -0.94 23.56
N SER A 352 13.52 0.39 23.56
CA SER A 352 14.81 1.08 23.57
C SER A 352 15.56 0.92 24.87
N SER A 353 14.90 0.38 25.90
CA SER A 353 15.60 -0.04 27.10
C SER A 353 16.49 -1.25 26.83
N GLN A 354 15.88 -2.37 26.44
CA GLN A 354 16.63 -3.60 26.19
C GLN A 354 17.69 -3.40 25.12
N TYR A 355 17.52 -2.42 24.23
CA TYR A 355 18.37 -2.26 23.04
C TYR A 355 18.90 -0.82 22.94
N SER A 356 19.41 -0.29 24.06
CA SER A 356 19.79 1.11 24.12
C SER A 356 20.94 1.47 23.19
N GLY A 357 21.75 0.49 22.79
CA GLY A 357 22.83 0.75 21.86
C GLY A 357 22.41 0.97 20.42
N TYR A 358 21.11 0.91 20.11
CA TYR A 358 20.62 1.06 18.73
C TYR A 358 19.76 2.31 18.63
N PRO A 359 19.37 2.76 17.44
CA PRO A 359 18.48 3.92 17.37
C PRO A 359 17.11 3.59 17.95
N ASP A 360 16.50 4.58 18.59
CA ASP A 360 15.19 4.37 19.22
C ASP A 360 14.15 4.23 18.11
N TYR A 361 13.82 3.00 17.75
CA TYR A 361 12.92 2.81 16.60
C TYR A 361 11.49 3.19 16.93
N SER A 362 11.13 3.31 18.22
CA SER A 362 9.82 3.85 18.58
C SER A 362 9.71 5.35 18.38
N ASP A 363 10.76 6.04 17.91
CA ASP A 363 10.75 7.50 17.77
C ASP A 363 10.05 7.96 16.49
N PRO A 364 8.90 8.62 16.62
CA PRO A 364 8.17 9.10 15.44
C PRO A 364 8.70 10.37 14.79
N SER A 365 9.68 11.06 15.39
CA SER A 365 10.05 12.40 14.96
C SER A 365 11.21 12.45 13.98
N ASN A 366 11.75 11.32 13.57
CA ASN A 366 12.79 11.32 12.54
C ASN A 366 12.11 11.40 11.18
N ILE A 367 11.75 12.61 10.78
CA ILE A 367 10.95 12.87 9.58
C ILE A 367 11.87 13.06 8.39
N ARG A 368 11.75 12.17 7.42
CA ARG A 368 12.47 12.26 6.17
C ARG A 368 11.85 13.32 5.28
N MET A 369 12.66 13.94 4.44
CA MET A 369 12.11 14.92 3.51
C MET A 369 12.84 14.83 2.18
N SER A 370 12.10 15.18 1.13
CA SER A 370 12.63 15.22 -0.22
C SER A 370 11.92 16.34 -0.95
N ALA A 371 12.51 16.75 -2.08
CA ALA A 371 11.87 17.70 -2.97
C ALA A 371 12.28 17.35 -4.38
N GLY A 372 11.38 17.53 -5.32
CA GLY A 372 11.73 17.24 -6.69
C GLY A 372 10.63 17.60 -7.65
N ILE A 373 10.85 17.20 -8.89
CA ILE A 373 9.94 17.47 -9.99
C ILE A 373 9.45 16.12 -10.51
N ALA A 374 8.16 16.09 -10.86
CA ALA A 374 7.55 14.90 -11.43
C ALA A 374 6.92 15.22 -12.78
N LEU A 375 6.77 14.18 -13.59
CA LEU A 375 6.13 14.30 -14.91
C LEU A 375 5.24 13.08 -15.12
N GLN A 376 3.99 13.35 -15.49
CA GLN A 376 3.01 12.32 -15.83
C GLN A 376 2.60 12.50 -17.29
N TRP A 377 2.47 11.39 -18.00
CA TRP A 377 2.12 11.41 -19.42
C TRP A 377 1.23 10.22 -19.73
N MET A 378 0.04 10.49 -20.27
CA MET A 378 -0.85 9.42 -20.74
C MET A 378 -0.32 8.95 -22.10
N SER A 379 0.65 8.05 -22.04
CA SER A 379 1.41 7.63 -23.20
C SER A 379 0.67 6.55 -23.98
N PRO A 380 1.15 6.25 -25.18
CA PRO A 380 0.58 5.08 -25.90
C PRO A 380 0.83 3.76 -25.16
N LEU A 381 1.94 3.66 -24.41
CA LEU A 381 2.21 2.55 -23.52
C LEU A 381 1.46 2.61 -22.18
N GLY A 382 0.49 3.54 -22.04
CA GLY A 382 -0.30 3.65 -20.84
C GLY A 382 0.13 4.80 -19.93
N PRO A 383 -0.57 4.97 -18.77
CA PRO A 383 -0.15 6.01 -17.82
C PRO A 383 1.30 5.89 -17.40
N LEU A 384 2.07 6.94 -17.57
CA LEU A 384 3.51 6.95 -17.29
C LEU A 384 3.81 8.01 -16.23
N VAL A 385 4.85 7.76 -15.41
CA VAL A 385 5.27 8.73 -14.41
C VAL A 385 6.79 8.70 -14.20
N PHE A 386 7.47 9.78 -14.59
CA PHE A 386 8.85 10.06 -14.22
C PHE A 386 8.85 10.88 -12.90
N SER A 387 9.89 10.71 -12.09
CA SER A 387 10.12 11.63 -10.98
C SER A 387 11.62 11.67 -10.68
N TYR A 388 12.12 12.85 -10.36
CA TYR A 388 13.49 13.04 -9.91
C TYR A 388 13.41 13.80 -8.59
N ALA A 389 14.02 13.25 -7.54
CA ALA A 389 13.92 13.88 -6.24
C ALA A 389 15.23 13.73 -5.51
N GLN A 390 15.51 14.73 -4.68
CA GLN A 390 16.70 14.70 -3.84
C GLN A 390 16.20 14.55 -2.41
N PRO A 391 16.60 13.51 -1.72
CA PRO A 391 16.22 13.37 -0.31
C PRO A 391 17.14 14.25 0.53
N PHE A 392 16.69 15.47 0.82
CA PHE A 392 17.54 16.40 1.55
C PHE A 392 17.62 16.05 3.04
N LYS A 393 16.56 15.49 3.63
CA LYS A 393 16.59 15.04 5.01
C LYS A 393 16.41 13.53 5.11
N LYS A 394 17.49 12.81 5.44
CA LYS A 394 17.50 11.37 5.59
C LYS A 394 18.27 10.98 6.86
N TYR A 395 18.12 9.71 7.26
CA TYR A 395 18.67 9.19 8.51
C TYR A 395 19.44 7.89 8.26
N ASP A 396 20.01 7.36 9.34
CA ASP A 396 20.90 6.21 9.29
C ASP A 396 20.24 5.03 8.58
N GLY A 397 20.88 4.57 7.51
CA GLY A 397 20.43 3.39 6.81
C GLY A 397 19.39 3.63 5.75
N ASP A 398 18.84 4.85 5.67
CA ASP A 398 17.90 5.19 4.62
C ASP A 398 18.59 5.14 3.25
N LYS A 399 18.04 4.37 2.34
CA LYS A 399 18.59 4.24 0.99
C LYS A 399 17.89 5.24 0.08
N ALA A 400 18.64 5.76 -0.90
CA ALA A 400 18.14 6.80 -1.78
C ALA A 400 17.85 6.24 -3.17
N GLU A 401 16.74 6.70 -3.78
CA GLU A 401 16.34 6.35 -5.15
C GLU A 401 15.88 7.65 -5.80
N GLN A 402 16.84 8.41 -6.36
CA GLN A 402 16.55 9.74 -6.88
C GLN A 402 15.61 9.68 -8.09
N PHE A 403 15.95 8.87 -9.09
CA PHE A 403 15.10 8.75 -10.28
C PHE A 403 14.15 7.58 -10.05
N GLN A 404 12.85 7.85 -10.18
CA GLN A 404 11.80 6.83 -10.06
C GLN A 404 10.89 6.92 -11.28
N PHE A 405 10.45 5.75 -11.75
CA PHE A 405 9.73 5.63 -13.02
C PHE A 405 8.68 4.54 -12.89
N ASN A 406 7.48 4.82 -13.44
CA ASN A 406 6.34 3.93 -13.38
C ASN A 406 5.53 4.08 -14.66
N ILE A 407 5.28 2.95 -15.32
CA ILE A 407 4.24 2.80 -16.34
C ILE A 407 3.15 1.93 -15.72
N GLY A 408 1.90 2.39 -15.76
CA GLY A 408 0.82 1.60 -15.20
C GLY A 408 0.30 0.53 -16.16
N LYS A 409 -0.48 -0.41 -15.61
CA LYS A 409 -1.07 -1.49 -16.41
C LYS A 409 -2.57 -1.69 -16.21
N THR A 410 -3.24 -0.83 -15.42
CA THR A 410 -4.65 -0.99 -15.13
C THR A 410 -5.57 -0.14 -16.02
N TRP A 411 -5.08 1.00 -16.50
CA TRP A 411 -5.91 2.00 -17.20
C TRP A 411 -5.53 2.02 -18.68
N TRP B 1 0.48 -0.32 -20.07
CA TRP B 1 -0.42 -0.66 -21.20
C TRP B 1 -1.34 -1.56 -20.69
N ASN B 2 -2.65 -1.44 -21.13
CA ASN B 2 -3.73 -2.37 -20.77
C ASN B 2 -4.55 -2.49 -21.94
C UX8 B 3 -6.88 -4.60 -23.09
CA UX8 B 3 -5.69 -4.05 -23.67
CG UX8 B 3 -6.05 -5.04 -25.90
CE2 UX8 B 3 -7.91 -5.61 -26.90
CB UX8 B 3 -5.02 -4.98 -24.76
CD1 UX8 B 3 -6.16 -4.36 -27.03
CD2 UX8 B 3 -7.15 -5.82 -25.81
CE3 UX8 B 3 -7.53 -6.70 -24.89
CZ3 UX8 B 3 -8.70 -7.41 -25.03
CH2 UX8 B 3 -9.49 -7.22 -26.16
CZ2 UX8 B 3 -9.07 -6.26 -27.08
N UX8 B 3 -4.86 -3.80 -22.44
NE1 UX8 B 3 -7.29 -4.71 -27.64
O UX8 B 3 -6.81 -5.45 -22.20
O9 UX8 B 3 -3.86 -4.33 -25.24
HA UX8 B 3 -5.93 -3.10 -24.13
HB2 UX8 B 3 -4.82 -5.97 -24.38
HD1 UX8 B 3 -5.44 -3.61 -27.40
HE3 UX8 B 3 -6.94 -6.87 -24.00
HZ3 UX8 B 3 -9.02 -8.09 -24.24
HZ2 UX8 B 3 -9.64 -6.07 -27.98
H UX8 B 3 -4.57 -4.58 -21.89
HE1 UX8 B 3 -7.62 -4.36 -28.51
N SER B 4 -8.15 -4.15 -23.50
CA SER B 4 -9.50 -4.62 -23.01
C SER B 4 -10.30 -4.97 -24.12
N LYS B 5 -10.91 -6.25 -24.22
CA LYS B 5 -11.62 -6.81 -25.44
C LYS B 5 -12.92 -7.38 -24.91
N SER B 6 -14.02 -6.69 -25.28
CA SER B 6 -15.38 -7.14 -24.90
C SER B 6 -15.68 -8.35 -25.78
N PHE B 7 -16.23 -9.39 -25.14
CA PHE B 7 -16.62 -10.62 -25.86
C PHE B 7 -18.17 -10.62 -25.83
MG MG C . 16.30 -12.58 -2.24
C1 C8E D . 2.84 25.34 -23.19
C2 C8E D . 3.10 26.52 -22.26
C3 C8E D . 4.29 26.19 -21.38
C4 C8E D . 4.37 27.07 -20.13
C5 C8E D . 5.62 26.69 -19.36
C6 C8E D . 5.51 27.19 -17.93
C7 C8E D . 6.35 26.44 -16.89
C8 C8E D . 5.93 26.97 -15.52
O9 C8E D . 6.69 26.44 -14.45
C10 C8E D . 6.86 27.33 -13.36
C11 C8E D . 7.31 26.48 -12.18
O12 C8E D . 7.43 27.18 -10.95
C13 C8E D . 7.68 26.24 -9.92
C14 C8E D . 8.51 26.90 -8.83
O15 C8E D . 9.85 26.43 -8.92
H11 C8E D . 3.65 24.62 -23.09
H12 C8E D . 1.91 24.87 -22.91
H13 C8E D . 2.79 25.69 -24.22
H21 C8E D . 3.32 27.41 -22.85
H22 C8E D . 2.22 26.73 -21.66
H31 C8E D . 4.21 25.15 -21.07
H32 C8E D . 5.21 26.31 -21.95
H41 C8E D . 3.48 26.92 -19.51
H42 C8E D . 4.41 28.12 -20.42
H51 C8E D . 5.74 25.60 -19.36
H52 C8E D . 6.50 27.12 -19.83
H61 C8E D . 5.79 28.25 -17.91
H62 C8E D . 4.47 27.12 -17.62
H71 C8E D . 6.19 25.36 -16.97
H72 C8E D . 7.42 26.63 -17.07
H81 C8E D . 4.88 26.72 -15.36
H82 C8E D . 6.03 28.06 -15.52
H101 C8E D . 7.60 28.09 -13.60
H102 C8E D . 5.92 27.84 -13.13
H111 C8E D . 6.60 25.66 -12.05
H112 C8E D . 8.28 26.03 -12.42
H131 C8E D . 6.73 25.89 -9.51
H132 C8E D . 8.21 25.38 -10.32
H141 C8E D . 8.48 27.98 -8.94
H142 C8E D . 8.10 26.65 -7.85
C1 C8E E . -3.04 34.31 -16.77
C2 C8E E . -2.39 32.92 -16.84
C3 C8E E . -2.26 32.36 -15.42
C4 C8E E . -1.10 32.99 -14.66
C5 C8E E . -0.17 32.00 -13.97
C6 C8E E . -0.20 32.18 -12.44
C7 C8E E . 0.40 30.98 -11.71
C8 C8E E . 0.92 31.37 -10.33
O9 C8E E . 1.73 30.39 -9.69
C10 C8E E . 2.62 30.98 -8.73
C11 C8E E . 2.91 30.10 -7.52
O12 C8E E . 1.68 29.62 -7.05
C13 C8E E . 1.78 28.72 -5.96
H11 C8E E . -2.86 34.74 -15.79
H12 C8E E . -4.10 34.22 -16.96
H13 C8E E . -2.58 34.95 -17.53
H21 C8E E . -3.00 32.26 -17.45
H22 C8E E . -1.41 32.99 -17.30
H31 C8E E . -3.19 32.53 -14.88
H32 C8E E . -2.11 31.28 -15.49
H41 C8E E . -0.51 33.58 -15.36
H42 C8E E . -1.51 33.66 -13.91
H51 C8E E . 0.85 32.15 -14.33
H52 C8E E . -0.47 30.99 -14.21
H61 C8E E . 0.37 33.08 -12.17
H62 C8E E . -1.23 32.33 -12.11
H71 C8E E . 1.22 30.57 -12.30
H72 C8E E . -0.36 30.20 -11.61
H81 C8E E . 1.50 32.30 -10.42
H82 C8E E . 0.06 31.57 -9.68
H101 C8E E . 3.55 31.23 -9.24
H102 C8E E . 2.16 31.92 -8.38
H111 C8E E . 3.56 29.27 -7.81
H112 C8E E . 3.43 30.68 -6.75
H132 C8E E . 2.80 28.66 -5.62
H132 C8E E . 1.16 29.11 -5.15
C1 C8E F . -15.59 -18.16 6.04
C2 C8E F . -14.80 -19.43 5.77
C3 C8E F . -13.94 -19.72 6.97
C4 C8E F . -13.02 -20.88 6.64
C5 C8E F . -12.77 -21.61 7.94
C6 C8E F . -11.43 -22.32 7.89
C7 C8E F . -10.99 -22.57 9.32
C8 C8E F . -9.48 -22.68 9.37
O9 C8E F . -9.07 -22.77 10.72
C10 C8E F . -8.14 -23.81 10.92
C11 C8E F . -8.08 -24.27 12.38
O12 C8E F . -7.27 -25.44 12.44
C13 C8E F . -6.75 -25.67 13.74
H11 C8E F . -15.31 -17.76 7.02
H12 C8E F . -15.37 -17.42 5.28
H13 C8E F . -16.66 -18.38 6.05
H21 C8E F . -14.19 -19.30 4.88
H22 C8E F . -15.49 -20.26 5.59
H31 C8E F . -13.35 -18.84 7.23
H32 C8E F . -14.57 -19.98 7.83
H41 C8E F . -13.48 -21.54 5.91
H42 C8E F . -12.09 -20.51 6.22
H51 C8E F . -12.79 -20.91 8.77
H52 C8E F . -13.57 -22.34 8.11
H61 C8E F . -11.52 -23.25 7.36
H62 C8E F . -10.69 -21.69 7.38
H71 C8E F . -11.33 -21.75 9.96
H72 C8E F . -11.44 -23.48 9.69
H81 C8E F . -9.15 -23.57 8.83
H82 C8E F . -9.02 -21.81 8.91
H101 C8E F . -8.42 -24.66 10.29
H102 C8E F . -7.15 -23.48 10.61
H111 C8E F . -7.66 -23.49 13.00
H112 C8E F . -9.08 -24.50 12.74
H132 C8E F . -6.35 -26.70 13.79
H132 C8E F . -5.93 -24.99 13.95
C1 C8E G . -15.83 -14.22 5.78
C2 C8E G . -16.82 -14.70 6.84
C3 C8E G . -16.20 -14.64 8.24
C4 C8E G . -17.31 -14.77 9.29
C5 C8E G . -16.84 -14.57 10.74
C6 C8E G . -17.57 -15.55 11.67
C7 C8E G . -16.99 -15.47 13.07
C8 C8E G . -15.64 -16.18 13.07
O9 C8E G . -15.61 -17.22 14.02
C10 C8E G . -14.29 -17.68 14.24
C11 C8E G . -14.28 -18.61 15.46
O12 C8E G . -13.00 -19.20 15.59
C13 C8E G . -12.94 -20.29 16.50
C14 C8E G . -11.48 -20.67 16.79
H11 C8E G . -14.87 -14.01 6.25
H12 C8E G . -15.70 -15.01 5.03
H13 C8E G . -16.21 -13.33 5.30
H21 C8E G . -17.71 -14.07 6.81
H22 C8E G . -17.13 -15.73 6.62
H31 C8E G . -15.68 -13.70 8.37
H32 C8E G . -15.49 -15.45 8.35
H41 C8E G . -17.75 -15.76 9.21
H42 C8E G . -18.08 -14.03 9.07
H51 C8E G . -17.05 -13.55 11.05
H52 C8E G . -15.76 -14.73 10.80
H61 C8E G . -17.47 -16.56 11.28
H62 C8E G . -18.63 -15.30 11.69
H71 C8E G . -17.66 -15.94 13.77
H72 C8E G . -16.86 -14.43 13.36
H81 C8E G . -15.46 -16.59 12.07
H82 C8E G . -14.86 -15.45 13.29
H101 C8E G . -13.93 -18.22 13.36
H102 C8E G . -13.62 -16.83 14.42
H111 C8E G . -14.52 -18.04 16.35
H112 C8E G . -15.03 -19.38 15.33
H131 C8E G . -13.43 -20.01 17.44
H132 C8E G . -13.46 -21.14 16.09
H142 C8E G . -11.07 -20.08 17.60
H142 C8E G . -10.87 -20.52 15.90
C1 C8E H . -18.81 -7.58 13.68
C2 C8E H . -18.04 -8.21 14.83
C3 C8E H . -16.97 -7.23 15.27
C4 C8E H . -16.39 -7.57 16.62
C5 C8E H . -15.18 -6.72 16.94
C6 C8E H . -14.47 -7.54 17.99
C7 C8E H . -13.59 -6.67 18.88
C8 C8E H . -12.72 -7.57 19.73
O9 C8E H . -12.09 -6.80 20.73
C10 C8E H . -11.40 -7.60 21.65
C11 C8E H . -10.70 -6.70 22.66
O12 C8E H . -10.12 -7.50 23.66
H11 C8E H . -18.45 -6.58 13.50
H12 C8E H . -19.87 -7.55 13.94
H13 C8E H . -18.69 -8.20 12.79
H21 C8E H . -18.70 -8.43 15.67
H22 C8E H . -17.58 -9.15 14.51
H31 C8E H . -16.17 -7.22 14.53
H32 C8E H . -17.40 -6.23 15.30
H41 C8E H . -17.15 -7.43 17.39
H42 C8E H . -16.10 -8.63 16.63
H51 C8E H . -14.56 -6.56 16.06
H52 C8E H . -15.46 -5.74 17.32
H61 C8E H . -15.20 -8.05 18.60
H62 C8E H . -13.85 -8.30 17.50
H71 C8E H . -12.96 -6.03 18.26
H72 C8E H . -14.20 -6.04 19.50
H81 C8E H . -13.33 -8.35 20.19
H82 C8E H . -11.97 -8.07 19.12
H101 C8E H . -12.09 -8.26 22.17
H102 C8E H . -10.67 -8.21 21.14
H111 C8E H . -9.94 -6.10 22.17
H112 C8E H . -11.42 -6.01 23.11
C1 C8E I . -17.23 -3.24 16.16
C2 C8E I . -16.14 -2.30 16.67
C3 C8E I . -15.18 -2.90 17.69
C4 C8E I . -14.21 -1.78 18.06
C5 C8E I . -13.05 -2.32 18.88
C6 C8E I . -11.92 -1.30 18.89
C7 C8E I . -10.82 -1.74 19.85
C8 C8E I . -9.91 -0.56 20.09
O9 C8E I . -8.81 -0.95 20.88
H11 C8E I . -17.04 -4.25 16.51
H12 C8E I . -17.22 -3.24 15.07
H13 C8E I . -18.20 -2.89 16.51
H21 C8E I . -16.63 -1.44 17.12
H22 C8E I . -15.56 -1.96 15.82
H31 C8E I . -15.73 -3.25 18.56
H32 C8E I . -14.64 -3.75 17.26
H41 C8E I . -13.84 -1.31 17.15
H42 C8E I . -14.74 -1.02 18.63
H51 C8E I . -13.38 -2.52 19.90
H52 C8E I . -12.71 -3.25 18.45
H61 C8E I . -11.50 -1.21 17.89
H62 C8E I . -12.30 -0.33 19.20
H71 C8E I . -10.26 -2.57 19.43
H72 C8E I . -11.25 -2.09 20.79
H81 C8E I . -10.46 0.24 20.61
H82 C8E I . -9.56 -0.15 19.14
C1 C8E J . -14.68 -15.85 24.71
C2 C8E J . -14.91 -14.38 24.38
C3 C8E J . -16.02 -14.28 23.36
C4 C8E J . -16.41 -12.83 23.23
C5 C8E J . -17.14 -12.58 21.91
C6 C8E J . -17.42 -11.11 21.60
C7 C8E J . -17.77 -10.91 20.12
C8 C8E J . -18.22 -9.48 19.80
O9 C8E J . -17.54 -8.66 20.71
C10 C8E J . -18.10 -7.37 20.92
C11 C8E J . -17.02 -6.44 21.47
O12 C8E J . -17.57 -5.15 21.61
C13 C8E J . -16.80 -4.08 21.10
C14 C8E J . -17.10 -2.81 21.91
O15 C8E J . -16.02 -1.91 21.89
C16 C8E J . -15.59 -1.50 23.19
C17 C8E J . -14.10 -1.72 23.43
O18 C8E J . -13.82 -1.84 24.81
C19 C8E J . -12.43 -1.82 25.12
C20 C8E J . -12.10 -0.78 26.17
O21 C8E J . -10.70 -0.55 26.19
H11 C8E J . -15.31 -16.46 24.07
H12 C8E J . -14.95 -16.02 25.76
H13 C8E J . -13.64 -16.10 24.56
H21 C8E J . -15.18 -13.83 25.28
H22 C8E J . -13.99 -13.94 24.00
H31 C8E J . -15.67 -14.67 22.39
H32 C8E J . -16.87 -14.89 23.66
H41 C8E J . -17.07 -12.56 24.06
H42 C8E J . -15.52 -12.20 23.28
H51 C8E J . -16.54 -13.00 21.11
H52 C8E J . -18.09 -13.12 21.93
H61 C8E J . -16.55 -10.52 21.85
H62 C8E J . -18.24 -10.76 22.21
H71 C8E J . -16.89 -11.15 19.51
H72 C8E J . -18.56 -11.61 19.85
H81 C8E J . -17.96 -9.22 18.77
H82 C8E J . -19.30 -9.39 19.91
H101 C8E J . -18.47 -6.98 19.97
H102 C8E J . -18.93 -7.43 21.62
H111 C8E J . -16.66 -6.81 22.43
H112 C8E J . -16.17 -6.41 20.79
H131 C8E J . -15.74 -4.32 21.16
H132 C8E J . -17.04 -3.91 20.05
H141 C8E J . -17.31 -3.09 22.95
H142 C8E J . -18.00 -2.33 21.51
H161 C8E J . -16.16 -2.07 23.94
H162 C8E J . -15.81 -0.45 23.32
H171 C8E J . -13.77 -2.63 22.92
H172 C8E J . -13.53 -0.88 23.01
H191 C8E J . -12.13 -2.82 25.48
H192 C8E J . -11.86 -1.63 24.21
H201 C8E J . -12.43 -1.11 27.16
H202 C8E J . -12.61 0.15 25.95
HO2 C8E J . -10.51 0.29 26.67
C1 C8E K . -4.90 -15.78 -12.89
C2 C8E K . -5.80 -14.78 -13.61
C3 C8E K . -6.85 -15.31 -14.60
C4 C8E K . -6.92 -14.43 -15.87
C5 C8E K . -7.90 -14.96 -16.92
C6 C8E K . -7.54 -14.39 -18.30
C7 C8E K . -8.68 -14.61 -19.29
C8 C8E K . -8.21 -14.68 -20.74
O9 C8E K . -9.22 -15.28 -21.54
C10 C8E K . -9.18 -14.88 -22.90
C11 C8E K . -10.17 -15.69 -23.73
O12 C8E K . -9.96 -15.41 -25.09
C13 C8E K . -10.77 -16.20 -25.95
H11 C8E K . -5.25 -16.79 -13.09
H12 C8E K . -3.88 -15.68 -13.24
H13 C8E K . -4.94 -15.59 -11.82
H21 C8E K . -5.15 -14.09 -14.17
H22 C8E K . -6.33 -14.20 -12.86
H31 C8E K . -6.59 -16.34 -14.88
H32 C8E K . -7.82 -15.34 -14.12
H41 C8E K . -5.92 -14.39 -16.32
H42 C8E K . -7.21 -13.43 -15.59
H51 C8E K . -8.91 -14.65 -16.66
H52 C8E K . -7.87 -16.05 -16.95
H61 C8E K . -7.32 -13.34 -18.22
H62 C8E K . -6.64 -14.89 -18.67
H71 C8E K . -9.20 -15.53 -19.04
H72 C8E K . -9.39 -13.79 -19.18
H81 C8E K . -8.00 -13.68 -21.11
H82 C8E K . -7.29 -15.27 -20.80
H101 C8E K . -8.17 -15.03 -23.28
H102 C8E K . -9.41 -13.81 -22.97
H111 C8E K . -10.03 -16.76 -23.54
H112 C8E K . -11.19 -15.44 -23.45
H132 C8E K . -10.62 -15.89 -26.99
H132 C8E K . -10.49 -17.26 -25.86
#